data_6TQB
#
_entry.id   6TQB
#
_cell.length_a   86.990
_cell.length_b   86.990
_cell.length_c   72.990
_cell.angle_alpha   90.000
_cell.angle_beta   90.000
_cell.angle_gamma   90.000
#
_symmetry.space_group_name_H-M   'P 42 21 2'
#
loop_
_entity.id
_entity.type
_entity.pdbx_description
1 polymer Roquin-1
2 polymer "RNA (5'-R(P*GP*GP*AP*AP*AP*UP*UP*AP*UP*AP*UP*UP*AP*AP*UP*UP*UP*CP*C)-3')"
3 non-polymer 1,2-ETHANEDIOL
4 non-polymer 'SODIUM ION'
5 non-polymer 'CHLORIDE ION'
6 non-polymer 'MAGNESIUM ION'
7 water water
#
loop_
_entity_poly.entity_id
_entity_poly.type
_entity_poly.pdbx_seq_one_letter_code
_entity_poly.pdbx_strand_id
1 'polypeptide(L)'
;EEEGRIRAMRAARSLGERTVTELILQHQNPQQLSSNLWAAVRARGCQFLGPAMQEEALKLVLLALEDGSALSRKVLVLFV
VQRLEPRFPQASKTSIGHVVQLLYRASCFKVTKRDEDSSLMQLKEEFRTYEALRREHDSQIVQIAMEAGLRIAPDQWSSL
LYGDQSHKSHMQSIIDKLQT
;
A
2 'polyribonucleotide' GGAAAUUAUAUUAAUUUCC B
#
loop_
_chem_comp.id
_chem_comp.type
_chem_comp.name
_chem_comp.formula
A RNA linking ADENOSINE-5'-MONOPHOSPHATE 'C10 H14 N5 O7 P'
C RNA linking CYTIDINE-5'-MONOPHOSPHATE 'C9 H14 N3 O8 P'
CL non-polymer 'CHLORIDE ION' 'Cl -1'
EDO non-polymer 1,2-ETHANEDIOL 'C2 H6 O2'
G RNA linking GUANOSINE-5'-MONOPHOSPHATE 'C10 H14 N5 O8 P'
MG non-polymer 'MAGNESIUM ION' 'Mg 2'
NA non-polymer 'SODIUM ION' 'Na 1'
U RNA linking URIDINE-5'-MONOPHOSPHATE 'C9 H13 N2 O9 P'
#
# COMPACT_ATOMS: atom_id res chain seq x y z
N HIS A 27 -27.38 2.87 -1.97
CA HIS A 27 -27.13 4.34 -1.91
C HIS A 27 -26.23 4.74 -3.09
N GLN A 28 -24.93 4.42 -3.05
CA GLN A 28 -23.97 4.73 -4.14
C GLN A 28 -23.88 3.54 -5.11
N ASN A 29 -23.87 3.81 -6.41
CA ASN A 29 -23.54 2.82 -7.47
C ASN A 29 -22.06 2.48 -7.35
N PRO A 30 -21.58 1.41 -8.01
CA PRO A 30 -20.16 1.05 -8.00
C PRO A 30 -19.17 2.14 -8.45
N GLN A 31 -19.48 2.92 -9.50
CA GLN A 31 -18.59 4.00 -10.01
C GLN A 31 -18.42 5.07 -8.92
N GLN A 32 -19.50 5.35 -8.19
CA GLN A 32 -19.50 6.40 -7.13
C GLN A 32 -18.67 5.88 -5.95
N LEU A 33 -18.83 4.60 -5.60
CA LEU A 33 -18.12 4.01 -4.43
C LEU A 33 -16.62 4.12 -4.73
N SER A 34 -16.23 3.81 -5.98
CA SER A 34 -14.83 3.74 -6.45
CA SER A 34 -14.80 3.72 -6.40
C SER A 34 -14.19 5.13 -6.40
N SER A 35 -14.86 6.11 -6.98
CA SER A 35 -14.34 7.50 -7.00
C SER A 35 -14.24 8.04 -5.57
N ASN A 36 -15.23 7.76 -4.73
CA ASN A 36 -15.21 8.20 -3.33
C ASN A 36 -14.08 7.43 -2.60
N LEU A 37 -13.87 6.15 -2.92
CA LEU A 37 -12.81 5.38 -2.20
C LEU A 37 -11.44 6.03 -2.51
N TRP A 38 -11.12 6.20 -3.77
CA TRP A 38 -9.81 6.81 -4.14
C TRP A 38 -9.67 8.24 -3.62
N ALA A 39 -10.76 9.01 -3.56
CA ALA A 39 -10.68 10.34 -2.93
C ALA A 39 -10.32 10.23 -1.43
N ALA A 40 -10.90 9.28 -0.73
CA ALA A 40 -10.63 9.11 0.72
C ALA A 40 -9.14 8.65 0.91
N VAL A 41 -8.70 7.76 0.06
CA VAL A 41 -7.28 7.28 0.09
C VAL A 41 -6.36 8.49 -0.13
N ARG A 42 -6.63 9.28 -1.15
CA ARG A 42 -5.75 10.41 -1.52
C ARG A 42 -5.82 11.45 -0.40
N ALA A 43 -6.95 11.58 0.30
CA ALA A 43 -7.12 12.58 1.38
C ALA A 43 -6.18 12.27 2.55
N ARG A 44 -5.72 11.02 2.66
CA ARG A 44 -4.79 10.56 3.73
C ARG A 44 -3.34 10.55 3.22
N GLY A 45 -3.12 11.10 2.03
CA GLY A 45 -1.77 11.12 1.47
C GLY A 45 -1.32 9.76 1.04
N CYS A 46 -2.27 8.89 0.74
CA CYS A 46 -2.01 7.53 0.30
C CYS A 46 -2.37 7.41 -1.19
N GLN A 47 -1.91 6.36 -1.85
CA GLN A 47 -2.18 6.14 -3.30
CA GLN A 47 -2.27 6.14 -3.27
C GLN A 47 -2.28 4.65 -3.59
N PHE A 48 -3.15 4.29 -4.54
CA PHE A 48 -3.14 2.96 -5.18
C PHE A 48 -2.89 3.22 -6.65
N LEU A 49 -1.80 2.64 -7.16
CA LEU A 49 -1.29 2.97 -8.50
C LEU A 49 -1.94 2.06 -9.54
N GLY A 50 -2.85 1.18 -9.19
CA GLY A 50 -3.42 0.22 -10.15
C GLY A 50 -2.82 -1.13 -9.88
N PRO A 51 -3.51 -2.25 -10.22
CA PRO A 51 -3.09 -3.58 -9.79
C PRO A 51 -1.64 -3.96 -10.14
N ALA A 52 -1.23 -3.82 -11.40
CA ALA A 52 0.12 -4.24 -11.79
C ALA A 52 1.19 -3.34 -11.11
N MET A 53 1.01 -2.04 -11.13
CA MET A 53 2.06 -1.10 -10.61
C MET A 53 2.15 -1.24 -9.07
N GLN A 54 1.01 -1.38 -8.41
CA GLN A 54 1.05 -1.50 -6.92
C GLN A 54 1.76 -2.78 -6.53
N GLU A 55 1.47 -3.92 -7.22
CA GLU A 55 2.11 -5.21 -6.93
C GLU A 55 3.63 -5.05 -7.08
N GLU A 56 4.08 -4.44 -8.18
CA GLU A 56 5.53 -4.28 -8.38
C GLU A 56 6.12 -3.33 -7.34
N ALA A 57 5.44 -2.24 -7.00
CA ALA A 57 5.95 -1.29 -5.99
C ALA A 57 6.16 -2.04 -4.68
N LEU A 58 5.18 -2.86 -4.26
CA LEU A 58 5.27 -3.58 -2.97
C LEU A 58 6.40 -4.62 -3.01
N LYS A 59 6.59 -5.30 -4.15
CA LYS A 59 7.68 -6.30 -4.25
C LYS A 59 9.06 -5.58 -4.18
N LEU A 60 9.14 -4.34 -4.66
CA LEU A 60 10.39 -3.56 -4.54
C LEU A 60 10.62 -3.12 -3.09
N VAL A 61 9.58 -2.71 -2.39
CA VAL A 61 9.69 -2.39 -0.94
C VAL A 61 10.24 -3.63 -0.26
N LEU A 62 9.70 -4.82 -0.56
CA LEU A 62 10.21 -6.07 0.04
CA LEU A 62 10.19 -6.06 0.05
C LEU A 62 11.65 -6.34 -0.35
N LEU A 63 12.02 -6.12 -1.61
CA LEU A 63 13.40 -6.35 -2.02
C LEU A 63 14.34 -5.50 -1.17
N ALA A 64 14.02 -4.24 -0.91
CA ALA A 64 14.88 -3.34 -0.12
C ALA A 64 14.91 -3.73 1.35
N LEU A 65 13.77 -4.19 1.91
CA LEU A 65 13.63 -4.26 3.40
C LEU A 65 13.50 -5.70 3.92
N GLU A 66 13.33 -6.72 3.08
CA GLU A 66 13.10 -8.06 3.66
C GLU A 66 14.28 -8.55 4.51
N ASP A 67 15.50 -8.08 4.27
CA ASP A 67 16.69 -8.56 5.01
C ASP A 67 16.92 -7.74 6.28
N GLY A 68 16.06 -6.78 6.61
CA GLY A 68 16.16 -5.96 7.81
C GLY A 68 16.96 -4.68 7.62
N SER A 69 17.35 -4.34 6.40
CA SER A 69 17.97 -3.03 6.14
C SER A 69 17.06 -1.92 6.66
N ALA A 70 17.66 -0.83 7.18
CA ALA A 70 16.95 0.31 7.81
C ALA A 70 17.15 1.56 6.92
N LEU A 71 16.12 1.89 6.16
CA LEU A 71 16.16 2.97 5.15
C LEU A 71 15.33 4.15 5.63
N SER A 72 15.80 5.36 5.32
CA SER A 72 14.95 6.54 5.39
C SER A 72 13.84 6.44 4.35
N ARG A 73 12.78 7.22 4.54
CA ARG A 73 11.78 7.40 3.46
C ARG A 73 12.43 7.82 2.17
N LYS A 74 13.35 8.81 2.21
CA LYS A 74 14.04 9.27 0.99
C LYS A 74 14.61 8.07 0.23
N VAL A 75 15.38 7.23 0.88
CA VAL A 75 16.18 6.18 0.19
C VAL A 75 15.24 5.07 -0.24
N LEU A 76 14.24 4.71 0.56
CA LEU A 76 13.27 3.69 0.11
C LEU A 76 12.55 4.20 -1.15
N VAL A 77 12.11 5.45 -1.14
CA VAL A 77 11.40 5.99 -2.33
C VAL A 77 12.36 5.97 -3.53
N LEU A 78 13.63 6.39 -3.36
CA LEU A 78 14.57 6.37 -4.51
C LEU A 78 14.71 4.95 -5.02
N PHE A 79 14.88 3.98 -4.14
CA PHE A 79 15.13 2.59 -4.54
C PHE A 79 13.96 2.14 -5.43
N VAL A 80 12.73 2.41 -4.97
CA VAL A 80 11.54 1.85 -5.67
C VAL A 80 11.27 2.64 -6.94
N VAL A 81 11.32 3.97 -6.90
CA VAL A 81 11.00 4.77 -8.11
CA VAL A 81 10.94 4.75 -8.12
C VAL A 81 11.93 4.38 -9.24
N GLN A 82 13.21 4.50 -9.08
N GLN A 82 13.22 4.14 -8.90
CA GLN A 82 14.04 4.45 -10.31
CA GLN A 82 14.37 3.82 -9.85
C GLN A 82 13.86 3.07 -10.99
C GLN A 82 14.12 2.46 -10.54
N ARG A 83 13.62 2.01 -10.22
N ARG A 83 13.66 1.47 -9.76
CA ARG A 83 13.47 0.63 -10.73
CA ARG A 83 13.33 0.12 -10.28
C ARG A 83 12.11 0.46 -11.41
C ARG A 83 11.97 0.11 -11.01
N LEU A 84 11.07 1.10 -10.85
CA LEU A 84 9.74 1.08 -11.54
C LEU A 84 9.77 1.84 -12.86
N GLU A 85 10.55 2.92 -12.95
CA GLU A 85 10.46 3.92 -14.04
C GLU A 85 10.44 3.30 -15.44
N PRO A 86 11.30 2.34 -15.78
CA PRO A 86 11.31 1.81 -17.16
C PRO A 86 9.98 1.17 -17.59
N ARG A 87 9.39 0.38 -16.70
CA ARG A 87 8.10 -0.29 -17.02
C ARG A 87 6.95 0.67 -16.81
N PHE A 88 7.06 1.59 -15.83
CA PHE A 88 5.96 2.45 -15.41
C PHE A 88 6.44 3.90 -15.39
N PRO A 89 6.51 4.57 -16.56
CA PRO A 89 7.10 5.92 -16.64
C PRO A 89 6.34 6.95 -15.80
N GLN A 90 5.12 6.65 -15.34
CA GLN A 90 4.34 7.55 -14.48
C GLN A 90 4.98 7.61 -13.08
N ALA A 91 5.87 6.67 -12.72
CA ALA A 91 6.43 6.55 -11.34
C ALA A 91 7.09 7.88 -10.99
N SER A 92 6.76 8.42 -9.83
CA SER A 92 7.34 9.66 -9.34
C SER A 92 7.71 9.51 -7.87
N LYS A 93 8.54 10.41 -7.35
CA LYS A 93 8.75 10.47 -5.89
C LYS A 93 7.42 10.64 -5.16
N THR A 94 6.52 11.49 -5.69
CA THR A 94 5.24 11.75 -5.04
C THR A 94 4.41 10.48 -5.01
N SER A 95 4.21 9.84 -6.15
CA SER A 95 3.28 8.68 -6.20
C SER A 95 3.83 7.52 -5.35
N ILE A 96 5.13 7.28 -5.40
CA ILE A 96 5.72 6.14 -4.63
CA ILE A 96 5.71 6.16 -4.61
C ILE A 96 5.75 6.54 -3.14
N GLY A 97 6.00 7.81 -2.83
CA GLY A 97 5.90 8.25 -1.44
C GLY A 97 4.53 8.01 -0.86
N HIS A 98 3.49 8.15 -1.67
CA HIS A 98 2.11 7.92 -1.21
C HIS A 98 1.85 6.41 -0.97
N VAL A 99 2.47 5.53 -1.77
CA VAL A 99 2.39 4.08 -1.50
C VAL A 99 3.10 3.78 -0.17
N VAL A 100 4.30 4.31 0.03
CA VAL A 100 5.04 4.08 1.31
C VAL A 100 4.18 4.61 2.48
N GLN A 101 3.51 5.72 2.29
CA GLN A 101 2.64 6.26 3.36
C GLN A 101 1.51 5.30 3.67
N LEU A 102 0.92 4.63 2.68
CA LEU A 102 -0.14 3.65 2.96
CA LEU A 102 -0.14 3.63 2.93
C LEU A 102 0.40 2.54 3.86
N LEU A 103 1.64 2.05 3.62
CA LEU A 103 2.23 1.02 4.48
C LEU A 103 2.55 1.59 5.87
N TYR A 104 2.99 2.84 5.92
CA TYR A 104 3.26 3.53 7.20
C TYR A 104 1.99 3.63 8.03
N ARG A 105 0.92 4.07 7.44
CA ARG A 105 -0.43 4.22 8.10
C ARG A 105 -0.93 2.85 8.55
N ALA A 106 -0.57 1.79 7.82
CA ALA A 106 -0.86 0.36 8.13
C ALA A 106 0.01 -0.21 9.28
N SER A 107 0.95 0.56 9.84
N SER A 107 0.95 0.57 9.80
CA SER A 107 1.84 0.08 10.94
CA SER A 107 1.85 0.19 10.93
C SER A 107 2.69 -1.10 10.46
C SER A 107 2.83 -0.93 10.53
N CYS A 108 3.21 -1.01 9.23
CA CYS A 108 4.07 -2.05 8.67
C CYS A 108 5.54 -1.83 9.09
N PHE A 109 5.91 -0.61 9.51
CA PHE A 109 7.33 -0.31 9.77
C PHE A 109 7.66 -0.18 11.26
N LYS A 110 8.83 -0.69 11.61
CA LYS A 110 9.53 -0.33 12.85
C LYS A 110 10.31 0.96 12.59
N VAL A 111 9.94 2.06 13.20
CA VAL A 111 10.55 3.40 12.91
C VAL A 111 11.53 3.75 14.02
N THR A 112 12.78 3.94 13.66
CA THR A 112 13.87 4.36 14.59
C THR A 112 13.96 5.89 14.49
N LYS A 113 13.60 6.64 15.54
CA LYS A 113 13.80 8.09 15.57
C LYS A 113 15.26 8.43 15.82
N ARG A 114 15.71 9.48 15.16
CA ARG A 114 17.07 10.03 15.27
C ARG A 114 16.90 11.54 15.46
N ASP A 115 17.33 12.05 16.60
CA ASP A 115 17.15 13.48 16.94
CA ASP A 115 17.05 13.47 16.91
C ASP A 115 17.64 14.37 15.81
N GLU A 116 16.81 15.32 15.38
CA GLU A 116 17.12 16.31 14.32
C GLU A 116 17.65 15.59 13.09
N ASP A 117 17.10 14.42 12.79
CA ASP A 117 17.55 13.68 11.57
C ASP A 117 16.42 12.80 11.06
N SER A 118 16.60 12.33 9.82
N SER A 118 16.48 12.42 9.80
CA SER A 118 15.56 11.46 9.19
CA SER A 118 15.40 11.56 9.22
C SER A 118 15.39 10.19 10.02
C SER A 118 15.37 10.24 9.98
N SER A 119 14.16 9.77 10.29
CA SER A 119 13.92 8.46 10.91
C SER A 119 14.35 7.35 9.93
N LEU A 120 14.77 6.21 10.48
CA LEU A 120 15.01 5.02 9.64
C LEU A 120 13.83 4.07 9.81
N MET A 121 13.54 3.33 8.77
CA MET A 121 12.43 2.37 8.79
C MET A 121 12.89 0.96 8.41
N GLN A 122 12.40 -0.01 9.16
CA GLN A 122 12.55 -1.44 8.83
C GLN A 122 11.16 -2.04 8.66
N LEU A 123 11.01 -3.05 7.80
N LEU A 123 10.97 -2.99 7.76
CA LEU A 123 9.77 -3.85 7.72
CA LEU A 123 9.72 -3.78 7.83
C LEU A 123 9.65 -4.71 8.99
C LEU A 123 9.72 -4.54 9.15
N LYS A 124 8.55 -4.58 9.76
CA LYS A 124 8.36 -5.54 10.89
C LYS A 124 8.53 -6.96 10.34
N GLU A 125 9.06 -7.84 11.20
CA GLU A 125 9.40 -9.23 10.79
CA GLU A 125 9.40 -9.23 10.81
C GLU A 125 8.18 -9.95 10.22
N GLU A 126 6.99 -9.70 10.76
CA GLU A 126 5.77 -10.41 10.33
C GLU A 126 5.29 -9.95 8.96
N PHE A 127 5.90 -8.88 8.41
CA PHE A 127 5.47 -8.37 7.07
C PHE A 127 6.59 -8.53 6.04
N ARG A 128 7.53 -9.45 6.26
CA ARG A 128 8.68 -9.62 5.31
C ARG A 128 8.41 -10.69 4.25
N THR A 129 7.16 -10.99 3.92
CA THR A 129 6.78 -11.76 2.72
C THR A 129 5.76 -10.97 1.93
N TYR A 130 5.68 -11.21 0.63
CA TYR A 130 4.71 -10.51 -0.21
C TYR A 130 3.32 -10.80 0.32
N GLU A 131 3.00 -12.08 0.59
CA GLU A 131 1.61 -12.41 1.01
C GLU A 131 1.20 -11.59 2.24
N ALA A 132 2.04 -11.50 3.27
CA ALA A 132 1.74 -10.81 4.54
C ALA A 132 1.71 -9.29 4.31
N LEU A 133 2.68 -8.76 3.57
CA LEU A 133 2.70 -7.30 3.33
C LEU A 133 1.47 -6.90 2.50
N ARG A 134 1.16 -7.66 1.45
CA ARG A 134 0.03 -7.34 0.57
C ARG A 134 -1.28 -7.46 1.37
N ARG A 135 -1.38 -8.43 2.26
CA ARG A 135 -2.62 -8.50 3.07
C ARG A 135 -2.76 -7.27 3.95
N GLU A 136 -1.69 -6.80 4.58
CA GLU A 136 -1.76 -5.66 5.49
C GLU A 136 -2.12 -4.40 4.66
N HIS A 137 -1.52 -4.29 3.47
CA HIS A 137 -1.81 -3.17 2.52
C HIS A 137 -3.31 -3.12 2.15
N ASP A 138 -3.81 -4.29 1.72
CA ASP A 138 -5.24 -4.40 1.34
C ASP A 138 -6.14 -4.06 2.53
N SER A 139 -5.81 -4.61 3.69
CA SER A 139 -6.58 -4.33 4.93
C SER A 139 -6.62 -2.83 5.24
N GLN A 140 -5.53 -2.09 5.00
CA GLN A 140 -5.53 -0.66 5.26
C GLN A 140 -6.46 0.08 4.29
N ILE A 141 -6.56 -0.31 3.03
CA ILE A 141 -7.45 0.39 2.08
C ILE A 141 -8.90 0.11 2.53
N VAL A 142 -9.16 -1.11 2.94
CA VAL A 142 -10.54 -1.45 3.45
C VAL A 142 -10.82 -0.63 4.69
N GLN A 143 -9.83 -0.44 5.56
CA GLN A 143 -10.00 0.41 6.76
C GLN A 143 -10.35 1.82 6.36
N ILE A 144 -9.66 2.38 5.36
CA ILE A 144 -9.98 3.74 4.85
C ILE A 144 -11.43 3.76 4.33
N ALA A 145 -11.86 2.74 3.62
CA ALA A 145 -13.27 2.67 3.13
C ALA A 145 -14.20 2.74 4.35
N MET A 146 -13.90 1.99 5.39
CA MET A 146 -14.74 1.94 6.61
C MET A 146 -14.75 3.30 7.31
N GLU A 147 -13.61 4.00 7.38
CA GLU A 147 -13.54 5.35 7.98
C GLU A 147 -14.42 6.32 7.17
N ALA A 148 -14.50 6.18 5.85
CA ALA A 148 -15.21 7.07 4.94
C ALA A 148 -16.69 6.67 4.83
N GLY A 149 -17.11 5.59 5.47
CA GLY A 149 -18.51 5.09 5.38
C GLY A 149 -18.87 4.49 4.04
N LEU A 150 -17.91 3.90 3.33
CA LEU A 150 -18.13 3.31 2.00
C LEU A 150 -18.26 1.81 2.19
N ARG A 151 -19.42 1.26 1.85
CA ARG A 151 -19.66 -0.19 1.95
C ARG A 151 -19.46 -0.83 0.58
N ILE A 152 -18.37 -1.55 0.42
CA ILE A 152 -17.99 -2.15 -0.88
C ILE A 152 -17.86 -3.64 -0.68
N ALA A 153 -18.45 -4.41 -1.60
CA ALA A 153 -18.54 -5.87 -1.54
C ALA A 153 -17.23 -6.51 -2.01
N PRO A 154 -16.96 -7.75 -1.56
CA PRO A 154 -15.77 -8.45 -2.00
C PRO A 154 -15.56 -8.52 -3.51
N ASP A 155 -16.61 -8.70 -4.30
CA ASP A 155 -16.44 -8.77 -5.76
C ASP A 155 -15.90 -7.44 -6.29
N GLN A 156 -16.42 -6.32 -5.83
CA GLN A 156 -15.90 -4.99 -6.23
C GLN A 156 -14.46 -4.82 -5.67
N TRP A 157 -14.21 -5.22 -4.44
CA TRP A 157 -12.81 -5.09 -3.90
C TRP A 157 -11.82 -5.85 -4.79
N SER A 158 -12.10 -7.10 -5.20
CA SER A 158 -11.23 -7.89 -6.07
C SER A 158 -10.98 -7.11 -7.37
N SER A 159 -12.02 -6.54 -7.95
CA SER A 159 -11.87 -5.79 -9.21
CA SER A 159 -11.90 -5.76 -9.21
C SER A 159 -10.97 -4.55 -8.97
N LEU A 160 -11.24 -3.81 -7.92
CA LEU A 160 -10.51 -2.57 -7.58
C LEU A 160 -9.02 -2.86 -7.34
N LEU A 161 -8.71 -3.87 -6.54
CA LEU A 161 -7.31 -4.04 -6.08
C LEU A 161 -6.57 -5.04 -6.96
N TYR A 162 -7.24 -5.88 -7.76
CA TYR A 162 -6.53 -6.95 -8.48
C TYR A 162 -6.93 -6.97 -9.98
N GLY A 163 -7.95 -6.26 -10.36
CA GLY A 163 -8.41 -6.24 -11.77
C GLY A 163 -8.94 -7.60 -12.20
N ASP A 164 -9.42 -8.41 -11.27
CA ASP A 164 -9.95 -9.77 -11.57
C ASP A 164 -10.98 -10.18 -10.51
N GLN A 165 -11.59 -11.36 -10.65
CA GLN A 165 -12.54 -11.87 -9.62
C GLN A 165 -11.94 -13.03 -8.85
N SER A 166 -10.60 -13.16 -8.80
CA SER A 166 -9.91 -14.32 -8.19
C SER A 166 -9.39 -13.98 -6.77
N HIS A 167 -9.68 -12.79 -6.24
CA HIS A 167 -9.25 -12.42 -4.86
CA HIS A 167 -9.26 -12.36 -4.89
C HIS A 167 -10.50 -12.01 -4.05
N LYS A 168 -11.69 -12.48 -4.46
CA LYS A 168 -12.89 -12.19 -3.65
C LYS A 168 -12.76 -12.82 -2.27
N SER A 169 -12.41 -14.10 -2.13
CA SER A 169 -12.36 -14.77 -0.82
CA SER A 169 -12.39 -14.75 -0.80
C SER A 169 -11.34 -14.04 0.08
N HIS A 170 -10.24 -13.62 -0.52
CA HIS A 170 -9.20 -12.89 0.23
C HIS A 170 -9.77 -11.60 0.79
N MET A 171 -10.44 -10.80 -0.03
CA MET A 171 -11.02 -9.50 0.37
C MET A 171 -12.13 -9.74 1.41
N GLN A 172 -12.93 -10.79 1.28
CA GLN A 172 -13.98 -11.13 2.28
C GLN A 172 -13.35 -11.43 3.63
N SER A 173 -12.29 -12.19 3.65
CA SER A 173 -11.53 -12.53 4.88
C SER A 173 -11.10 -11.24 5.56
N ILE A 174 -10.49 -10.33 4.79
CA ILE A 174 -9.99 -9.04 5.34
C ILE A 174 -11.12 -8.23 5.96
N ILE A 175 -12.27 -8.12 5.28
CA ILE A 175 -13.42 -7.37 5.82
C ILE A 175 -13.84 -8.00 7.16
N ASP A 176 -13.97 -9.31 7.20
CA ASP A 176 -14.51 -10.00 8.41
C ASP A 176 -13.50 -9.83 9.56
N LYS A 177 -12.20 -9.81 9.28
CA LYS A 177 -11.22 -9.69 10.39
C LYS A 177 -11.23 -8.24 10.87
N LEU A 178 -11.67 -7.27 10.08
CA LEU A 178 -11.75 -5.85 10.52
C LEU A 178 -13.00 -5.62 11.37
N GLN A 179 -14.05 -6.45 11.19
CA GLN A 179 -15.35 -6.23 11.89
C GLN A 179 -15.29 -7.08 13.17
C1 EDO C . -15.77 -1.66 3.52
O1 EDO C . -16.02 -1.36 2.17
C2 EDO C . -16.21 -3.02 3.83
O2 EDO C . -17.63 -3.13 3.72
C1 EDO D . -20.01 -13.11 -0.84
O1 EDO D . -19.10 -12.03 -1.02
C2 EDO D . -21.45 -12.66 -0.87
O2 EDO D . -21.82 -12.02 -2.08
C1 EDO E . -0.50 -0.07 -13.63
O1 EDO E . -1.18 -0.50 -12.50
C2 EDO E . -1.25 0.95 -14.34
O2 EDO E . -1.85 0.39 -15.47
C1 EDO F . 13.18 15.48 16.61
O1 EDO F . 14.05 15.08 15.56
C2 EDO F . 12.91 16.93 16.65
O2 EDO F . 12.58 17.39 15.35
NA NA G . 4.55 2.13 10.15
CL CL H . -19.65 -6.38 2.94
CL CL H . -20.69 -6.41 1.42
C1 EDO I . 9.80 22.86 -1.83
O1 EDO I . 8.78 22.35 -2.63
C2 EDO I . 9.26 23.78 -0.79
O2 EDO I . 8.29 23.23 0.10
C1 EDO J . 3.99 16.38 10.00
O1 EDO J . 3.43 17.49 9.33
C2 EDO J . 3.07 15.88 11.02
O2 EDO J . 1.82 16.51 10.83
MG MG K . 5.27 22.56 -5.09
NA NA L . -1.20 15.09 2.97
CL CL M . -0.80 15.21 -5.49
CL CL M . -0.28 13.47 -6.25
#